data_3LGZ
#
_entry.id   3LGZ
#
_cell.length_a   80.840
_cell.length_b   80.840
_cell.length_c   91.264
_cell.angle_alpha   90.00
_cell.angle_beta   90.00
_cell.angle_gamma   120.00
#
_symmetry.space_group_name_H-M   'P 32 2 1'
#
loop_
_entity.id
_entity.type
_entity.pdbx_description
1 polymer 'Dehydrosqualene synthase'
2 non-polymer '{(1R,2R,3R)-2-[(3E)-4,8-dimethylnona-3,7-dien-1-yl]-2-methyl-3-[(1E,5E)-2,6,10-trimethylundeca-1,5,9-trien-1-yl]cyclopropyl}methyl trihydrogen diphosphate'
3 non-polymer 'MAGNESIUM ION'
4 water water
#
_entity_poly.entity_id   1
_entity_poly.type   'polypeptide(L)'
_entity_poly.pdbx_seq_one_letter_code
;AAAAAAMTMMDMNFKYCHKIMKKHSKSFSYAFDLLPEDQRKAVWAIYAVCRKIDDSIDVYGDIQFLNQIKEDIQSIEKYP
YEYHHFQSDRRIMMALQHVAQHKNIAFQSFYNLIDTVYKDQHFTMFETDAELFGACYGVAGTVGEVLTPILSDHETHQTY
DVARRLGESLQLINILRDVGEDFENERIYFSKQRLKQYEVDIAEVYQNGVNNHYIDLWEYYAAIAEKDFRDVMDQIKVFS
IEAQPIIELAARIYIEILDEVRQANYTLHERVFVEKRKKAKLFHEINSKYHRI
;
_entity_poly.pdbx_strand_id   B
#
loop_
_chem_comp.id
_chem_comp.type
_chem_comp.name
_chem_comp.formula
MG non-polymer 'MAGNESIUM ION' 'Mg 2'
PS7 non-polymer '{(1R,2R,3R)-2-[(3E)-4,8-dimethylnona-3,7-dien-1-yl]-2-methyl-3-[(1E,5E)-2,6,10-trimethylundeca-1,5,9-trien-1-yl]cyclopropyl}methyl trihydrogen diphosphate' 'C30 H52 O7 P2'
#
# COMPACT_ATOMS: atom_id res chain seq x y z
N MET A 7 -29.90 -8.30 2.65
CA MET A 7 -28.44 -8.53 2.92
C MET A 7 -28.02 -10.00 2.80
N THR A 8 -27.40 -10.33 1.67
CA THR A 8 -27.03 -11.71 1.33
C THR A 8 -25.77 -12.23 2.03
N MET A 9 -25.46 -13.50 1.80
CA MET A 9 -24.20 -14.14 2.20
C MET A 9 -23.02 -13.30 1.71
N MET A 10 -22.99 -13.07 0.40
CA MET A 10 -21.93 -12.32 -0.25
C MET A 10 -21.73 -10.95 0.36
N ASP A 11 -22.83 -10.20 0.55
CA ASP A 11 -22.76 -8.89 1.19
C ASP A 11 -22.04 -8.98 2.52
N MET A 12 -22.31 -10.04 3.26
CA MET A 12 -21.63 -10.22 4.57
C MET A 12 -20.10 -10.40 4.41
N ASN A 13 -19.66 -11.14 3.40
CA ASN A 13 -18.22 -11.20 3.14
C ASN A 13 -17.57 -9.81 2.87
N PHE A 14 -18.21 -9.03 2.00
CA PHE A 14 -17.65 -7.74 1.61
C PHE A 14 -17.62 -6.77 2.78
N LYS A 15 -18.71 -6.73 3.53
CA LYS A 15 -18.76 -5.94 4.76
C LYS A 15 -17.67 -6.34 5.75
N TYR A 16 -17.35 -7.63 5.84
CA TYR A 16 -16.16 -8.02 6.64
C TYR A 16 -14.83 -7.40 6.08
N CYS A 17 -14.56 -7.61 4.79
CA CYS A 17 -13.39 -7.02 4.12
C CYS A 17 -13.29 -5.51 4.34
N HIS A 18 -14.45 -4.84 4.19
CA HIS A 18 -14.58 -3.39 4.44
C HIS A 18 -14.10 -3.04 5.87
N LYS A 19 -14.72 -3.69 6.86
CA LYS A 19 -14.30 -3.57 8.27
C LYS A 19 -12.81 -3.82 8.50
N ILE A 20 -12.23 -4.83 7.83
CA ILE A 20 -10.77 -4.93 7.92
C ILE A 20 -10.07 -3.65 7.39
N MET A 21 -10.46 -3.25 6.18
CA MET A 21 -9.90 -2.03 5.60
C MET A 21 -10.04 -0.77 6.50
N LYS A 22 -11.23 -0.53 7.04
CA LYS A 22 -11.45 0.60 7.97
C LYS A 22 -10.63 0.49 9.25
N LYS A 23 -10.35 -0.73 9.69
CA LYS A 23 -9.54 -0.95 10.85
C LYS A 23 -8.10 -0.55 10.51
N HIS A 24 -7.54 -1.10 9.44
CA HIS A 24 -6.10 -0.95 9.28
C HIS A 24 -5.59 0.21 8.46
N SER A 25 -6.50 0.92 7.80
CA SER A 25 -6.10 1.90 6.80
C SER A 25 -7.07 3.07 6.67
N LYS A 26 -6.98 3.99 7.61
CA LYS A 26 -7.90 5.16 7.67
C LYS A 26 -7.83 6.06 6.42
N SER A 27 -6.63 6.33 5.92
CA SER A 27 -6.45 7.10 4.70
C SER A 27 -7.02 6.40 3.48
N PHE A 28 -6.69 5.13 3.25
CA PHE A 28 -7.21 4.50 2.03
C PHE A 28 -8.68 4.24 2.03
N SER A 29 -9.25 3.79 3.16
CA SER A 29 -10.72 3.67 3.23
C SER A 29 -11.46 4.96 3.02
N TYR A 30 -11.00 6.03 3.64
CA TYR A 30 -11.62 7.32 3.42
C TYR A 30 -11.79 7.58 1.92
N ALA A 31 -10.73 7.36 1.13
CA ALA A 31 -10.82 7.65 -0.31
C ALA A 31 -11.57 6.60 -1.07
N PHE A 32 -11.26 5.34 -0.77
CA PHE A 32 -11.75 4.31 -1.67
C PHE A 32 -13.22 4.00 -1.41
N ASP A 33 -13.73 4.31 -0.22
CA ASP A 33 -15.18 4.24 0.03
C ASP A 33 -16.00 5.23 -0.85
N LEU A 34 -15.33 6.21 -1.46
CA LEU A 34 -16.03 7.09 -2.40
C LEU A 34 -16.24 6.49 -3.79
N LEU A 35 -15.74 5.28 -4.04
CA LEU A 35 -15.88 4.67 -5.39
C LEU A 35 -17.33 4.25 -5.60
N PRO A 36 -17.76 4.09 -6.86
CA PRO A 36 -19.06 3.43 -7.05
C PRO A 36 -19.02 2.07 -6.38
N GLU A 37 -20.21 1.59 -6.00
CA GLU A 37 -20.40 0.40 -5.16
C GLU A 37 -19.61 -0.78 -5.63
N ASP A 38 -19.58 -1.02 -6.94
CA ASP A 38 -18.98 -2.26 -7.45
C ASP A 38 -17.44 -2.25 -7.48
N GLN A 39 -16.82 -1.09 -7.65
CA GLN A 39 -15.39 -1.03 -7.57
C GLN A 39 -14.97 -0.95 -6.14
N ARG A 40 -15.77 -0.25 -5.35
CA ARG A 40 -15.58 -0.12 -3.90
C ARG A 40 -15.37 -1.53 -3.29
N LYS A 41 -16.31 -2.43 -3.60
CA LYS A 41 -16.32 -3.78 -3.06
C LYS A 41 -15.13 -4.59 -3.56
N ALA A 42 -14.78 -4.46 -4.83
CA ALA A 42 -13.54 -5.11 -5.33
C ALA A 42 -12.31 -4.63 -4.57
N VAL A 43 -12.23 -3.34 -4.26
CA VAL A 43 -11.06 -2.82 -3.50
C VAL A 43 -10.98 -3.37 -2.07
N TRP A 44 -12.15 -3.48 -1.42
CA TRP A 44 -12.22 -3.95 -0.01
C TRP A 44 -11.61 -5.34 0.09
N ALA A 45 -12.06 -6.19 -0.82
CA ALA A 45 -11.67 -7.57 -0.96
C ALA A 45 -10.16 -7.80 -1.28
N ILE A 46 -9.63 -7.03 -2.24
CA ILE A 46 -8.18 -7.10 -2.55
C ILE A 46 -7.37 -6.60 -1.35
N TYR A 47 -7.84 -5.55 -0.72
CA TYR A 47 -7.16 -5.01 0.44
C TYR A 47 -7.07 -6.06 1.54
N ALA A 48 -8.18 -6.77 1.74
CA ALA A 48 -8.25 -7.60 2.93
C ALA A 48 -7.41 -8.83 2.69
N VAL A 49 -7.40 -9.35 1.47
CA VAL A 49 -6.47 -10.41 1.16
C VAL A 49 -5.02 -9.96 1.41
N CYS A 50 -4.64 -8.80 0.88
CA CYS A 50 -3.28 -8.33 1.10
C CYS A 50 -3.04 -8.03 2.58
N ARG A 51 -4.04 -7.52 3.30
CA ARG A 51 -3.89 -7.33 4.75
C ARG A 51 -3.51 -8.63 5.44
N LYS A 52 -4.21 -9.70 5.08
CA LYS A 52 -4.06 -10.99 5.74
C LYS A 52 -2.70 -11.65 5.42
N ILE A 53 -2.28 -11.54 4.17
CA ILE A 53 -0.95 -11.98 3.73
C ILE A 53 0.11 -11.23 4.55
N ASP A 54 -0.02 -9.92 4.62
CA ASP A 54 0.90 -9.15 5.42
C ASP A 54 0.88 -9.50 6.92
N ASP A 55 -0.20 -10.08 7.41
CA ASP A 55 -0.36 -10.28 8.87
C ASP A 55 -0.09 -11.73 9.30
N SER A 56 0.11 -12.58 8.29
CA SER A 56 0.36 -14.03 8.35
C SER A 56 1.09 -14.70 9.51
N ILE A 57 2.15 -14.03 9.94
CA ILE A 57 3.21 -14.56 10.76
C ILE A 57 3.00 -14.42 12.28
N ILE A 63 5.69 -19.80 8.04
CA ILE A 63 4.63 -20.34 8.88
C ILE A 63 3.39 -20.67 8.05
N GLN A 64 2.45 -21.37 8.68
CA GLN A 64 1.56 -22.22 7.94
C GLN A 64 0.31 -21.50 7.43
N PHE A 65 -0.09 -20.42 8.10
CA PHE A 65 -1.25 -19.67 7.64
C PHE A 65 -1.04 -19.07 6.24
N LEU A 66 0.20 -18.65 5.98
CA LEU A 66 0.56 -18.00 4.72
C LEU A 66 0.52 -18.96 3.53
N ASN A 67 1.03 -20.17 3.72
CA ASN A 67 0.87 -21.24 2.71
C ASN A 67 -0.62 -21.53 2.42
N GLN A 68 -1.42 -21.54 3.50
CA GLN A 68 -2.89 -21.79 3.41
C GLN A 68 -3.55 -20.75 2.52
N ILE A 69 -3.19 -19.49 2.74
CA ILE A 69 -3.65 -18.39 1.89
C ILE A 69 -3.13 -18.58 0.47
N LYS A 70 -1.86 -18.95 0.34
CA LYS A 70 -1.28 -19.05 -1.01
C LYS A 70 -2.09 -20.12 -1.78
N GLU A 71 -2.41 -21.20 -1.06
CA GLU A 71 -3.23 -22.29 -1.61
C GLU A 71 -4.63 -21.83 -1.97
N ASP A 72 -5.32 -21.11 -1.08
CA ASP A 72 -6.63 -20.55 -1.48
C ASP A 72 -6.55 -19.73 -2.78
N ILE A 73 -5.58 -18.84 -2.85
CA ILE A 73 -5.40 -18.00 -4.02
C ILE A 73 -5.21 -18.83 -5.26
N GLN A 74 -4.33 -19.83 -5.20
CA GLN A 74 -4.04 -20.72 -6.36
C GLN A 74 -5.24 -21.50 -6.86
N SER A 75 -6.08 -22.01 -5.94
CA SER A 75 -7.36 -22.65 -6.36
C SER A 75 -8.24 -21.66 -7.13
N ILE A 76 -8.30 -20.40 -6.68
CA ILE A 76 -9.18 -19.40 -7.31
C ILE A 76 -8.69 -19.15 -8.72
N GLU A 77 -7.38 -19.17 -8.91
CA GLU A 77 -6.77 -18.92 -10.20
C GLU A 77 -7.13 -20.03 -11.16
N LYS A 78 -6.83 -21.26 -10.76
CA LYS A 78 -7.05 -22.41 -11.64
C LYS A 78 -8.54 -22.76 -11.83
N TYR A 79 -9.37 -22.54 -10.80
CA TYR A 79 -10.83 -22.88 -10.81
C TYR A 79 -11.77 -21.80 -10.29
N PRO A 80 -11.86 -20.66 -11.00
CA PRO A 80 -12.69 -19.50 -10.61
C PRO A 80 -14.18 -19.82 -10.32
N TYR A 81 -14.77 -20.71 -11.13
CA TYR A 81 -16.21 -21.05 -11.06
C TYR A 81 -16.61 -22.29 -10.27
N GLU A 82 -15.68 -22.82 -9.48
CA GLU A 82 -15.93 -24.02 -8.65
C GLU A 82 -16.02 -23.65 -7.19
N TYR A 83 -16.68 -24.50 -6.40
CA TYR A 83 -16.71 -24.31 -4.97
C TYR A 83 -15.44 -24.86 -4.35
N HIS A 84 -14.81 -24.10 -3.45
CA HIS A 84 -13.63 -24.54 -2.68
C HIS A 84 -13.88 -24.52 -1.21
N HIS A 85 -13.17 -25.39 -0.50
CA HIS A 85 -13.17 -25.40 0.95
C HIS A 85 -11.91 -24.70 1.41
N PHE A 86 -11.99 -23.36 1.41
CA PHE A 86 -10.82 -22.51 1.71
C PHE A 86 -10.17 -22.87 3.03
N GLN A 87 -8.84 -22.92 3.04
CA GLN A 87 -8.09 -23.30 4.25
C GLN A 87 -7.89 -22.11 5.17
N SER A 88 -7.93 -20.88 4.67
CA SER A 88 -7.53 -19.72 5.51
C SER A 88 -8.73 -18.88 6.01
N ASP A 89 -9.03 -17.75 5.36
CA ASP A 89 -10.15 -16.95 5.82
C ASP A 89 -11.25 -16.91 4.78
N ARG A 90 -12.32 -17.63 5.08
CA ARG A 90 -13.40 -17.96 4.14
C ARG A 90 -14.16 -16.72 3.67
N ARG A 91 -14.48 -15.81 4.58
CA ARG A 91 -15.15 -14.55 4.17
C ARG A 91 -14.33 -13.76 3.08
N ILE A 92 -13.01 -13.66 3.31
CA ILE A 92 -12.11 -12.94 2.44
C ILE A 92 -11.91 -13.70 1.16
N MET A 93 -11.74 -15.01 1.25
CA MET A 93 -11.46 -15.76 0.01
C MET A 93 -12.67 -15.80 -0.92
N MET A 94 -13.86 -15.93 -0.34
CA MET A 94 -15.13 -15.96 -1.09
C MET A 94 -15.34 -14.67 -1.87
N ALA A 95 -15.05 -13.55 -1.23
CA ALA A 95 -15.19 -12.22 -1.85
C ALA A 95 -14.17 -12.08 -2.95
N LEU A 96 -12.96 -12.59 -2.75
CA LEU A 96 -11.92 -12.44 -3.76
C LEU A 96 -12.31 -13.23 -4.96
N GLN A 97 -12.85 -14.43 -4.73
CA GLN A 97 -13.31 -15.30 -5.82
C GLN A 97 -14.49 -14.71 -6.57
N HIS A 98 -15.41 -14.05 -5.86
CA HIS A 98 -16.50 -13.31 -6.52
C HIS A 98 -15.93 -12.21 -7.43
N VAL A 99 -14.94 -11.48 -6.93
CA VAL A 99 -14.28 -10.45 -7.76
C VAL A 99 -13.64 -11.05 -9.01
N ALA A 100 -12.92 -12.15 -8.87
CA ALA A 100 -12.20 -12.78 -9.98
C ALA A 100 -13.09 -13.32 -11.11
N GLN A 101 -14.36 -13.53 -10.79
CA GLN A 101 -15.31 -14.02 -11.77
C GLN A 101 -15.71 -12.94 -12.72
N HIS A 102 -15.56 -11.67 -12.32
CA HIS A 102 -16.02 -10.57 -13.15
C HIS A 102 -14.85 -9.73 -13.63
N LYS A 103 -13.72 -9.83 -12.95
CA LYS A 103 -12.58 -8.99 -13.34
C LYS A 103 -11.32 -9.82 -13.58
N ASN A 104 -10.45 -9.31 -14.42
CA ASN A 104 -9.14 -9.93 -14.61
C ASN A 104 -8.07 -9.56 -13.59
N ILE A 105 -7.73 -10.53 -12.75
CA ILE A 105 -6.82 -10.34 -11.64
C ILE A 105 -5.42 -10.91 -11.90
N ALA A 106 -4.38 -10.13 -11.56
CA ALA A 106 -2.98 -10.56 -11.76
C ALA A 106 -2.49 -11.40 -10.60
N PHE A 107 -2.85 -12.66 -10.67
CA PHE A 107 -2.43 -13.60 -9.67
C PHE A 107 -0.91 -13.56 -9.39
N GLN A 108 -0.07 -13.43 -10.42
CA GLN A 108 1.38 -13.41 -10.21
C GLN A 108 1.70 -12.34 -9.16
N SER A 109 1.04 -11.19 -9.26
CA SER A 109 1.26 -10.11 -8.32
C SER A 109 0.94 -10.44 -6.85
N PHE A 110 -0.02 -11.35 -6.54
CA PHE A 110 -0.23 -11.74 -5.13
C PHE A 110 0.91 -12.72 -4.74
N TYR A 111 1.35 -13.57 -5.68
CA TYR A 111 2.49 -14.48 -5.36
C TYR A 111 3.77 -13.69 -5.03
N ASN A 112 4.02 -12.60 -5.76
CA ASN A 112 5.20 -11.75 -5.48
C ASN A 112 5.14 -11.17 -4.07
N LEU A 113 3.95 -10.71 -3.70
CA LEU A 113 3.70 -10.18 -2.39
C LEU A 113 3.93 -11.25 -1.35
N ILE A 114 3.43 -12.44 -1.61
CA ILE A 114 3.59 -13.58 -0.71
C ILE A 114 5.09 -13.96 -0.54
N ASP A 115 5.81 -14.08 -1.66
CA ASP A 115 7.28 -14.20 -1.61
C ASP A 115 7.94 -13.13 -0.74
N THR A 116 7.49 -11.89 -0.88
CA THR A 116 8.09 -10.80 -0.14
C THR A 116 7.85 -10.99 1.34
N VAL A 117 6.68 -11.46 1.75
CA VAL A 117 6.45 -11.64 3.17
C VAL A 117 7.26 -12.81 3.74
N TYR A 118 7.34 -13.89 2.99
CA TYR A 118 8.23 -14.99 3.32
C TYR A 118 9.69 -14.49 3.49
N LYS A 119 10.21 -13.70 2.54
CA LYS A 119 11.64 -13.28 2.62
C LYS A 119 11.88 -12.37 3.80
N ASP A 120 10.85 -11.64 4.20
CA ASP A 120 10.96 -10.69 5.29
C ASP A 120 11.37 -11.35 6.62
N GLN A 121 11.10 -12.65 6.71
CA GLN A 121 11.46 -13.43 7.88
C GLN A 121 12.97 -13.33 8.14
N HIS A 122 13.73 -13.29 7.04
CA HIS A 122 15.20 -13.31 7.05
C HIS A 122 15.77 -11.94 6.73
N PHE A 123 15.01 -10.89 7.02
CA PHE A 123 15.40 -9.52 6.68
C PHE A 123 16.75 -9.12 7.25
N THR A 124 17.63 -8.72 6.35
CA THR A 124 18.89 -8.10 6.69
C THR A 124 18.86 -6.85 5.83
N MET A 125 19.32 -5.75 6.42
CA MET A 125 19.24 -4.42 5.84
C MET A 125 19.63 -4.41 4.41
N PHE A 126 19.17 -3.38 3.69
CA PHE A 126 19.49 -3.24 2.27
C PHE A 126 20.83 -2.56 2.12
N GLU A 127 21.67 -3.12 1.25
CA GLU A 127 22.99 -2.55 1.00
C GLU A 127 22.83 -1.31 0.20
N THR A 128 21.89 -1.34 -0.76
CA THR A 128 21.71 -0.20 -1.67
C THR A 128 20.26 0.18 -1.86
N ASP A 129 20.04 1.42 -2.31
CA ASP A 129 18.70 1.91 -2.64
C ASP A 129 17.94 1.00 -3.61
N ALA A 130 18.68 0.28 -4.46
CA ALA A 130 18.06 -0.61 -5.45
C ALA A 130 17.46 -1.88 -4.80
N GLU A 131 18.06 -2.38 -3.73
CA GLU A 131 17.37 -3.46 -2.99
C GLU A 131 16.14 -2.86 -2.32
N LEU A 132 16.25 -1.66 -1.80
CA LEU A 132 15.16 -1.03 -1.07
C LEU A 132 13.96 -0.78 -2.00
N PHE A 133 14.23 -0.24 -3.18
CA PHE A 133 13.18 -0.08 -4.20
C PHE A 133 12.63 -1.39 -4.69
N GLY A 134 13.46 -2.45 -4.66
CA GLY A 134 13.00 -3.78 -4.96
C GLY A 134 12.03 -4.31 -3.91
N ALA A 135 12.23 -3.95 -2.64
CA ALA A 135 11.25 -4.35 -1.63
C ALA A 135 9.93 -3.56 -1.74
N CYS A 136 9.99 -2.25 -1.97
CA CYS A 136 8.82 -1.43 -2.21
C CYS A 136 7.94 -1.99 -3.35
N TYR A 137 8.54 -2.37 -4.45
CA TYR A 137 7.84 -3.13 -5.48
C TYR A 137 7.06 -4.34 -4.92
N GLY A 138 7.75 -5.19 -4.17
CA GLY A 138 7.21 -6.42 -3.68
C GLY A 138 6.06 -6.24 -2.69
N VAL A 139 6.13 -5.23 -1.80
CA VAL A 139 5.01 -5.04 -0.84
C VAL A 139 3.85 -4.22 -1.40
N ALA A 140 4.15 -3.34 -2.33
CA ALA A 140 3.17 -2.30 -2.63
C ALA A 140 3.03 -2.08 -4.12
N GLY A 141 4.12 -2.25 -4.88
CA GLY A 141 4.01 -2.12 -6.32
C GLY A 141 3.08 -3.21 -6.84
N THR A 142 3.12 -4.38 -6.18
CA THR A 142 2.26 -5.49 -6.55
C THR A 142 0.75 -5.17 -6.31
N VAL A 143 0.46 -4.47 -5.22
CA VAL A 143 -0.90 -4.08 -4.87
C VAL A 143 -1.47 -3.16 -5.94
N GLY A 144 -0.72 -2.11 -6.31
CA GLY A 144 -1.11 -1.30 -7.45
C GLY A 144 -1.42 -2.12 -8.69
N GLU A 145 -0.59 -3.12 -9.01
CA GLU A 145 -0.83 -4.00 -10.18
C GLU A 145 -2.16 -4.82 -10.14
N VAL A 146 -2.44 -5.38 -8.97
CA VAL A 146 -3.67 -6.11 -8.73
C VAL A 146 -4.92 -5.24 -8.82
N LEU A 147 -4.85 -4.01 -8.32
CA LEU A 147 -5.89 -2.99 -8.47
C LEU A 147 -6.11 -2.41 -9.86
N THR A 148 -5.13 -2.51 -10.75
CA THR A 148 -5.26 -1.84 -12.05
C THR A 148 -6.57 -2.11 -12.81
N PRO A 149 -6.99 -3.39 -13.00
CA PRO A 149 -8.22 -3.62 -13.77
C PRO A 149 -9.48 -3.19 -13.03
N ILE A 150 -9.41 -3.04 -11.71
CA ILE A 150 -10.57 -2.48 -11.05
C ILE A 150 -10.69 -0.96 -11.31
N LEU A 151 -9.58 -0.24 -11.45
CA LEU A 151 -9.68 1.24 -11.47
C LEU A 151 -9.50 1.89 -12.87
N SER A 152 -9.37 1.07 -13.91
CA SER A 152 -9.30 1.55 -15.29
C SER A 152 -10.15 0.65 -16.16
N ASP A 153 -10.74 1.21 -17.19
CA ASP A 153 -11.59 0.43 -18.08
C ASP A 153 -10.79 -0.22 -19.22
N HIS A 154 -9.67 0.39 -19.61
CA HIS A 154 -8.76 -0.27 -20.57
C HIS A 154 -7.33 -0.33 -19.99
N GLU A 155 -6.86 -1.54 -19.72
CA GLU A 155 -5.54 -1.80 -19.13
C GLU A 155 -4.49 -1.83 -20.21
N THR A 156 -3.51 -0.94 -20.11
CA THR A 156 -2.38 -1.00 -21.00
C THR A 156 -1.17 -1.18 -20.14
N HIS A 157 -0.03 -1.39 -20.77
CA HIS A 157 1.19 -1.41 -20.04
C HIS A 157 1.32 -0.06 -19.24
N GLN A 158 0.80 1.04 -19.80
CA GLN A 158 0.97 2.35 -19.20
C GLN A 158 0.24 2.33 -17.86
N THR A 159 -0.94 1.70 -17.84
CA THR A 159 -1.83 1.71 -16.67
C THR A 159 -1.14 0.97 -15.53
N TYR A 160 -0.60 -0.21 -15.82
CA TYR A 160 0.21 -0.95 -14.85
C TYR A 160 1.42 -0.15 -14.34
N ASP A 161 2.10 0.55 -15.22
CA ASP A 161 3.31 1.25 -14.82
C ASP A 161 2.98 2.32 -13.82
N VAL A 162 1.88 3.03 -14.06
CA VAL A 162 1.47 4.14 -13.22
C VAL A 162 0.99 3.63 -11.86
N ALA A 163 0.10 2.64 -11.86
CA ALA A 163 -0.39 2.01 -10.62
C ALA A 163 0.78 1.48 -9.74
N ARG A 164 1.79 0.90 -10.42
CA ARG A 164 2.97 0.31 -9.76
C ARG A 164 3.79 1.38 -9.08
N ARG A 165 4.14 2.42 -9.82
CA ARG A 165 4.85 3.52 -9.28
C ARG A 165 4.03 4.24 -8.15
N LEU A 166 2.71 4.35 -8.29
CA LEU A 166 1.92 4.94 -7.22
C LEU A 166 2.09 4.14 -5.96
N GLY A 167 1.99 2.83 -6.08
CA GLY A 167 2.09 1.99 -4.90
C GLY A 167 3.47 2.00 -4.28
N GLU A 168 4.48 2.03 -5.12
CA GLU A 168 5.84 2.07 -4.58
C GLU A 168 6.10 3.36 -3.83
N SER A 169 5.55 4.47 -4.28
CA SER A 169 5.84 5.70 -3.59
C SER A 169 5.00 5.86 -2.34
N LEU A 170 3.81 5.30 -2.30
CA LEU A 170 3.10 5.16 -1.03
C LEU A 170 3.87 4.34 0.03
N GLN A 171 4.45 3.21 -0.38
CA GLN A 171 5.35 2.48 0.54
C GLN A 171 6.50 3.36 1.03
N LEU A 172 7.13 4.12 0.15
CA LEU A 172 8.21 4.97 0.59
C LEU A 172 7.76 6.00 1.60
N ILE A 173 6.59 6.62 1.38
CA ILE A 173 6.00 7.55 2.34
C ILE A 173 5.76 6.85 3.72
N ASN A 174 5.31 5.60 3.66
CA ASN A 174 5.02 4.79 4.83
C ASN A 174 6.31 4.57 5.64
N ILE A 175 7.34 4.03 4.98
CA ILE A 175 8.71 4.01 5.54
C ILE A 175 9.13 5.34 6.22
N LEU A 176 8.86 6.47 5.57
CA LEU A 176 9.35 7.76 6.06
C LEU A 176 8.58 8.24 7.27
N ARG A 177 7.38 7.72 7.44
CA ARG A 177 6.55 8.01 8.59
C ARG A 177 6.92 7.13 9.77
N ASP A 178 7.40 5.92 9.53
CA ASP A 178 7.38 4.88 10.56
C ASP A 178 8.82 4.65 10.98
N VAL A 179 9.68 5.64 10.77
CA VAL A 179 11.10 5.43 11.03
C VAL A 179 11.34 5.00 12.48
N GLY A 180 10.71 5.68 13.43
CA GLY A 180 10.86 5.35 14.87
C GLY A 180 10.33 4.01 15.32
N GLU A 181 9.07 3.72 14.96
CA GLU A 181 8.52 2.43 15.31
C GLU A 181 9.16 1.27 14.56
N ASP A 182 9.63 1.51 13.34
CA ASP A 182 10.37 0.44 12.64
C ASP A 182 11.70 0.03 13.36
N PHE A 183 12.44 1.04 13.84
CA PHE A 183 13.63 0.80 14.65
C PHE A 183 13.32 -0.06 15.91
N GLU A 184 12.27 0.28 16.64
CA GLU A 184 11.84 -0.49 17.80
C GLU A 184 11.54 -1.96 17.47
N ASN A 185 11.13 -2.22 16.24
CA ASN A 185 10.83 -3.58 15.85
C ASN A 185 12.00 -4.17 15.16
N GLU A 186 13.15 -3.52 15.40
CA GLU A 186 14.43 -3.97 14.84
C GLU A 186 14.49 -3.95 13.31
N ARG A 187 13.87 -2.96 12.69
CA ARG A 187 13.96 -2.81 11.26
C ARG A 187 14.47 -1.44 10.89
N ILE A 188 15.27 -1.37 9.86
CA ILE A 188 15.68 -0.11 9.30
C ILE A 188 15.60 -0.28 7.81
N TYR A 189 14.85 0.59 7.14
CA TYR A 189 14.67 0.45 5.70
C TYR A 189 15.50 1.37 4.82
N PHE A 190 16.06 2.43 5.39
CA PHE A 190 17.11 3.21 4.71
C PHE A 190 18.31 2.32 4.33
N SER A 191 18.93 2.58 3.18
CA SER A 191 19.98 1.66 2.71
C SER A 191 21.31 1.91 3.42
N LYS A 192 22.08 0.84 3.65
CA LYS A 192 23.42 0.94 4.30
C LYS A 192 24.22 1.99 3.54
N GLN A 193 24.23 1.85 2.22
CA GLN A 193 24.90 2.78 1.34
C GLN A 193 24.45 4.22 1.58
N ARG A 194 23.17 4.46 1.76
CA ARG A 194 22.74 5.84 1.95
C ARG A 194 22.97 6.34 3.42
N LEU A 195 23.02 5.41 4.36
CA LEU A 195 23.27 5.75 5.77
C LEU A 195 24.76 6.14 5.94
N LYS A 196 25.68 5.37 5.36
CA LYS A 196 27.10 5.71 5.28
C LYS A 196 27.33 7.05 4.62
N GLN A 197 26.86 7.21 3.40
CA GLN A 197 27.03 8.50 2.69
C GLN A 197 26.62 9.71 3.56
N TYR A 198 25.43 9.68 4.16
CA TYR A 198 24.97 10.83 4.94
C TYR A 198 25.48 10.78 6.40
N GLU A 199 26.32 9.82 6.74
CA GLU A 199 26.86 9.71 8.10
C GLU A 199 25.72 9.64 9.18
N VAL A 200 24.88 8.63 9.06
CA VAL A 200 23.67 8.56 9.90
C VAL A 200 23.66 7.21 10.56
N ASP A 201 23.27 7.16 11.81
CA ASP A 201 23.11 5.90 12.53
C ASP A 201 21.75 6.01 13.21
N ILE A 202 20.83 5.11 12.87
CA ILE A 202 19.45 5.25 13.32
C ILE A 202 19.33 5.08 14.85
N ALA A 203 20.04 4.12 15.45
CA ALA A 203 20.09 3.97 16.93
C ALA A 203 20.37 5.31 17.60
N GLU A 204 21.45 5.95 17.15
CA GLU A 204 21.89 7.17 17.74
C GLU A 204 20.79 8.25 17.62
N VAL A 205 20.12 8.32 16.47
CA VAL A 205 19.12 9.38 16.25
C VAL A 205 17.94 9.13 17.20
N TYR A 206 17.51 7.88 17.23
CA TYR A 206 16.45 7.46 18.07
C TYR A 206 16.68 7.90 19.53
N GLN A 207 17.88 7.62 20.02
CA GLN A 207 18.29 8.03 21.37
C GLN A 207 18.46 9.55 21.51
N ASN A 208 19.10 10.20 20.56
CA ASN A 208 19.47 11.60 20.76
C ASN A 208 18.68 12.67 20.09
N GLY A 209 17.75 12.28 19.25
CA GLY A 209 16.94 13.28 18.56
C GLY A 209 17.43 13.54 17.15
N VAL A 210 16.64 14.30 16.43
CA VAL A 210 16.94 14.53 15.02
C VAL A 210 18.24 15.36 14.96
N ASN A 211 18.93 15.30 13.84
CA ASN A 211 20.06 16.20 13.56
C ASN A 211 20.00 16.60 12.07
N ASN A 212 21.04 17.24 11.54
CA ASN A 212 21.04 17.63 10.12
C ASN A 212 21.36 16.54 9.11
N HIS A 213 22.21 15.61 9.48
CA HIS A 213 22.47 14.46 8.65
C HIS A 213 21.16 13.65 8.40
N TYR A 214 20.40 13.44 9.47
CA TYR A 214 19.14 12.72 9.41
C TYR A 214 18.14 13.46 8.50
N ILE A 215 17.96 14.74 8.74
CA ILE A 215 16.99 15.48 7.97
C ILE A 215 17.35 15.33 6.51
N ASP A 216 18.59 15.57 6.17
CA ASP A 216 19.10 15.39 4.80
C ASP A 216 18.86 14.03 4.17
N LEU A 217 19.13 12.94 4.88
CA LEU A 217 18.87 11.63 4.38
C LEU A 217 17.34 11.47 4.19
N TRP A 218 16.58 11.73 5.25
CA TRP A 218 15.14 11.77 5.15
C TRP A 218 14.61 12.52 3.93
N GLU A 219 15.04 13.76 3.78
CA GLU A 219 14.56 14.60 2.66
C GLU A 219 15.04 14.10 1.30
N TYR A 220 16.18 13.39 1.26
CA TYR A 220 16.62 12.75 0.04
C TYR A 220 15.50 11.81 -0.45
N TYR A 221 15.05 10.91 0.42
CA TYR A 221 13.93 9.97 0.13
C TYR A 221 12.57 10.65 -0.07
N ALA A 222 12.26 11.64 0.72
CA ALA A 222 11.01 12.34 0.57
C ALA A 222 10.87 12.94 -0.85
N ALA A 223 11.97 13.53 -1.35
CA ALA A 223 12.03 14.11 -2.70
C ALA A 223 11.79 13.08 -3.80
N ILE A 224 12.40 11.90 -3.68
CA ILE A 224 12.08 10.74 -4.54
C ILE A 224 10.58 10.43 -4.50
N ALA A 225 9.98 10.28 -3.30
CA ALA A 225 8.53 9.96 -3.22
C ALA A 225 7.70 11.06 -3.89
N GLU A 226 8.03 12.32 -3.59
CA GLU A 226 7.35 13.45 -4.22
C GLU A 226 7.46 13.46 -5.75
N LYS A 227 8.63 13.17 -6.29
CA LYS A 227 8.80 13.15 -7.72
C LYS A 227 7.95 12.04 -8.34
N ASP A 228 7.96 10.85 -7.74
CA ASP A 228 7.11 9.77 -8.23
C ASP A 228 5.62 10.18 -8.16
N PHE A 229 5.26 10.86 -7.08
CA PHE A 229 3.88 11.29 -6.89
C PHE A 229 3.46 12.18 -8.05
N ARG A 230 4.31 13.15 -8.39
CA ARG A 230 3.99 14.14 -9.43
C ARG A 230 3.94 13.47 -10.80
N ASP A 231 4.74 12.45 -11.00
CA ASP A 231 4.70 11.69 -12.23
C ASP A 231 3.45 10.85 -12.36
N VAL A 232 2.88 10.40 -11.23
CA VAL A 232 1.61 9.68 -11.25
C VAL A 232 0.44 10.60 -11.58
N MET A 233 0.40 11.74 -10.90
CA MET A 233 -0.64 12.73 -11.12
C MET A 233 -0.71 13.19 -12.59
N ASP A 234 0.43 13.41 -13.25
CA ASP A 234 0.43 13.82 -14.70
C ASP A 234 -0.01 12.69 -15.60
N GLN A 235 -0.16 11.49 -15.07
CA GLN A 235 -0.68 10.37 -15.84
C GLN A 235 -1.97 9.80 -15.26
N ILE A 236 -2.70 10.64 -14.49
CA ILE A 236 -3.91 10.26 -13.78
C ILE A 236 -4.92 9.70 -14.78
N LYS A 237 -4.82 10.16 -16.02
CA LYS A 237 -5.77 9.83 -17.12
C LYS A 237 -5.86 8.35 -17.49
N VAL A 238 -4.85 7.57 -17.13
CA VAL A 238 -4.90 6.13 -17.42
C VAL A 238 -6.02 5.42 -16.65
N PHE A 239 -6.52 6.06 -15.59
CA PHE A 239 -7.58 5.45 -14.80
C PHE A 239 -8.97 5.90 -15.25
N SER A 240 -9.96 5.06 -14.93
CA SER A 240 -11.35 5.35 -15.28
C SER A 240 -11.79 6.65 -14.61
N ILE A 241 -12.77 7.32 -15.21
CA ILE A 241 -13.17 8.69 -14.87
C ILE A 241 -13.67 8.84 -13.42
N GLU A 242 -14.42 7.84 -12.97
CA GLU A 242 -14.90 7.78 -11.59
C GLU A 242 -13.73 7.61 -10.57
N ALA A 243 -12.67 6.88 -10.95
CA ALA A 243 -11.50 6.62 -10.06
C ALA A 243 -10.43 7.70 -10.00
N GLN A 244 -10.30 8.49 -11.04
CA GLN A 244 -9.28 9.53 -11.08
C GLN A 244 -9.29 10.40 -9.80
N PRO A 245 -10.39 11.13 -9.53
CA PRO A 245 -10.37 11.94 -8.29
C PRO A 245 -10.21 11.14 -6.97
N ILE A 246 -10.56 9.87 -6.95
CA ILE A 246 -10.38 9.06 -5.73
C ILE A 246 -8.92 8.70 -5.56
N ILE A 247 -8.32 8.30 -6.67
CA ILE A 247 -6.93 7.93 -6.65
C ILE A 247 -6.11 9.15 -6.27
N GLU A 248 -6.47 10.27 -6.84
CA GLU A 248 -5.80 11.51 -6.51
C GLU A 248 -6.01 11.86 -5.03
N LEU A 249 -7.20 11.62 -4.54
CA LEU A 249 -7.40 11.92 -3.15
C LEU A 249 -6.48 11.07 -2.31
N ALA A 250 -6.49 9.76 -2.59
CA ALA A 250 -5.76 8.79 -1.80
C ALA A 250 -4.29 9.09 -1.76
N ALA A 251 -3.72 9.47 -2.90
CA ALA A 251 -2.33 9.84 -3.01
C ALA A 251 -2.03 11.13 -2.29
N ARG A 252 -2.91 12.12 -2.47
CA ARG A 252 -2.74 13.46 -1.84
C ARG A 252 -2.76 13.34 -0.33
N ILE A 253 -3.72 12.60 0.19
CA ILE A 253 -3.76 12.36 1.60
C ILE A 253 -2.44 11.77 2.04
N TYR A 254 -1.95 10.73 1.33
CA TYR A 254 -0.77 10.00 1.81
C TYR A 254 0.45 10.90 1.76
N ILE A 255 0.50 11.77 0.77
CA ILE A 255 1.60 12.75 0.59
C ILE A 255 1.67 13.81 1.68
N GLU A 256 0.49 14.24 2.14
CA GLU A 256 0.38 15.18 3.22
C GLU A 256 1.02 14.60 4.49
N ILE A 257 1.13 13.28 4.57
CA ILE A 257 1.89 12.67 5.66
C ILE A 257 3.32 13.22 5.73
N LEU A 258 3.86 13.62 4.58
CA LEU A 258 5.20 14.17 4.51
C LEU A 258 5.32 15.53 5.22
N ASP A 259 4.39 16.44 4.93
CA ASP A 259 4.30 17.69 5.68
C ASP A 259 4.08 17.46 7.18
N GLU A 260 3.20 16.53 7.54
CA GLU A 260 3.03 16.19 8.96
C GLU A 260 4.32 15.75 9.67
N VAL A 261 5.19 15.00 8.98
CA VAL A 261 6.39 14.53 9.63
C VAL A 261 7.30 15.72 9.94
N ARG A 262 7.41 16.67 9.00
CA ARG A 262 8.24 17.86 9.15
C ARG A 262 7.72 18.83 10.24
N GLN A 263 6.40 18.87 10.43
CA GLN A 263 5.80 19.69 11.47
C GLN A 263 5.89 19.04 12.86
N ALA A 264 6.18 17.75 12.92
CA ALA A 264 6.45 17.10 14.19
C ALA A 264 7.97 17.00 14.36
N ASN A 265 8.68 17.73 13.50
CA ASN A 265 10.16 17.77 13.58
C ASN A 265 10.81 16.39 13.46
N TYR A 266 10.31 15.64 12.48
CA TYR A 266 10.87 14.36 12.07
C TYR A 266 10.93 13.38 13.20
N THR A 267 10.03 13.49 14.18
CA THR A 267 10.13 12.68 15.42
C THR A 267 10.23 11.18 15.16
N LEU A 268 11.06 10.50 15.94
CA LEU A 268 11.06 9.04 15.88
C LEU A 268 10.28 8.41 17.02
N HIS A 269 9.45 9.19 17.71
CA HIS A 269 8.76 8.63 18.87
C HIS A 269 7.24 8.71 18.81
N GLU A 270 6.69 8.98 17.63
CA GLU A 270 5.25 8.92 17.48
C GLU A 270 4.93 8.69 16.02
N ARG A 271 3.77 8.07 15.78
CA ARG A 271 3.17 8.05 14.48
C ARG A 271 2.34 9.30 14.22
N VAL A 272 2.77 10.14 13.29
CA VAL A 272 1.96 11.26 12.84
C VAL A 272 0.85 10.78 11.91
N PHE A 273 -0.17 11.61 11.72
CA PHE A 273 -1.35 11.25 10.93
C PHE A 273 -1.96 12.48 10.32
N VAL A 274 -2.82 12.27 9.33
CA VAL A 274 -3.53 13.36 8.67
C VAL A 274 -4.92 13.20 9.23
N GLU A 275 -5.40 14.25 9.90
CA GLU A 275 -6.71 14.18 10.56
C GLU A 275 -7.87 14.15 9.57
N LYS A 276 -8.97 13.54 10.00
CA LYS A 276 -10.18 13.46 9.16
C LYS A 276 -10.62 14.82 8.56
N ARG A 277 -10.43 15.89 9.33
CA ARG A 277 -10.84 17.21 8.87
C ARG A 277 -9.95 17.69 7.73
N LYS A 278 -8.69 17.28 7.76
CA LYS A 278 -7.74 17.58 6.68
C LYS A 278 -8.05 16.77 5.44
N LYS A 279 -8.45 15.52 5.66
CA LYS A 279 -8.86 14.67 4.57
C LYS A 279 -10.00 15.29 3.78
N ALA A 280 -11.07 15.69 4.48
CA ALA A 280 -12.21 16.41 3.84
C ALA A 280 -11.79 17.68 3.12
N LYS A 281 -10.87 18.44 3.70
CA LYS A 281 -10.36 19.63 3.03
C LYS A 281 -9.66 19.30 1.68
N LEU A 282 -8.74 18.34 1.69
CA LEU A 282 -8.18 17.82 0.42
C LEU A 282 -9.23 17.29 -0.55
N PHE A 283 -10.24 16.60 -0.05
CA PHE A 283 -11.31 16.13 -0.91
C PHE A 283 -12.03 17.30 -1.55
N HIS A 284 -12.29 18.35 -0.76
CA HIS A 284 -12.98 19.53 -1.28
C HIS A 284 -12.20 20.11 -2.46
N GLU A 285 -10.89 20.31 -2.22
CA GLU A 285 -9.93 20.75 -3.23
C GLU A 285 -9.88 19.93 -4.51
N ILE A 286 -9.80 18.59 -4.40
CA ILE A 286 -9.74 17.74 -5.59
C ILE A 286 -11.10 17.79 -6.30
N ASN A 287 -12.14 17.66 -5.50
CA ASN A 287 -13.51 17.69 -5.95
C ASN A 287 -13.77 18.89 -6.88
N SER A 288 -13.27 20.06 -6.47
CA SER A 288 -13.57 21.30 -7.15
C SER A 288 -12.76 21.41 -8.41
N LYS A 289 -11.62 20.75 -8.48
CA LYS A 289 -10.87 20.74 -9.72
C LYS A 289 -11.56 19.83 -10.75
N TYR A 290 -12.55 19.05 -10.31
CA TYR A 290 -13.22 18.08 -11.20
C TYR A 290 -14.69 18.40 -11.47
CAA PS7 B . -5.29 -2.78 -1.49
CAB PS7 B . -5.68 -0.28 -1.06
CAC PS7 B . -4.63 2.99 -6.13
CAD PS7 B . -3.61 2.36 -8.39
CAE PS7 B . -0.99 -4.47 0.54
CAF PS7 B . -2.83 1.43 -2.02
CAG PS7 B . 2.62 -3.46 3.99
CAH PS7 B . 1.69 1.61 1.93
OAI PS7 B . -1.57 3.83 6.24
OAJ PS7 B . -0.60 -0.54 6.45
OAK PS7 B . 0.00 1.96 7.16
OAL PS7 B . -2.10 2.79 8.41
OAM PS7 B . -3.05 -0.89 5.69
CAN PS7 B . -3.96 -1.62 0.22
CAO PS7 B . -2.34 2.06 -6.28
CAP PS7 B . -0.85 -4.54 2.92
CAQ PS7 B . -0.43 0.63 -1.95
CAR PS7 B . 1.29 -2.31 2.15
CAS PS7 B . -3.25 -2.93 0.52
CAT PS7 B . -2.20 2.15 -4.77
CAU PS7 B . 0.30 -5.48 2.61
CAV PS7 B . -0.37 0.69 -0.44
CAW PS7 B . -2.69 -3.07 1.96
CAX PS7 B . -1.53 0.91 -4.18
CAY PS7 B . 1.52 -4.76 2.01
CAZ PS7 B . -0.19 0.67 3.79
CBA PS7 B . 0.80 -0.11 0.13
OBB PS7 B . -1.50 0.43 4.26
OBC PS7 B . -2.28 1.47 6.34
CBD PS7 B . -4.93 -1.56 -0.73
CBE PS7 B . -3.48 2.45 -6.91
CBF PS7 B . -1.51 -4.03 1.86
CBG PS7 B . -1.54 0.97 -2.67
CBH PS7 B . 1.80 -3.44 2.71
CBI PS7 B . 1.42 -0.88 2.66
CBJ PS7 B . 0.04 -0.22 2.58
CBK PS7 B . 1.14 0.21 1.61
PBL PS7 B . -1.37 2.59 7.08
PBM PS7 B . -1.84 0.01 5.79
MG MG C . 5.19 0.90 7.90
MG MG D . 1.68 -0.87 6.36
#